data_5XTG
#
_entry.id   5XTG
#
_cell.length_a   70.082
_cell.length_b   70.082
_cell.length_c   119.181
_cell.angle_alpha   90.000
_cell.angle_beta   90.000
_cell.angle_gamma   90.000
#
_symmetry.space_group_name_H-M   'P 42 21 2'
#
loop_
_entity.id
_entity.type
_entity.pdbx_description
1 polymer '2,3-dihydroxy-2,3-dihydrophenylpropionate dehydrogenase'
2 non-polymer NICOTINAMIDE-ADENINE-DINUCLEOTIDE
3 non-polymer 'CITRIC ACID'
4 non-polymer BIPHENYL-2,3-DIOL
5 water water
#
_entity_poly.entity_id   1
_entity_poly.type   'polypeptide(L)'
_entity_poly.pdbx_seq_one_letter_code
;MHHHHHHASENLYFQGAMVMGNQQVVSITGAGSGIGLELVRSFKLAGYCVSALVRNEEQEALLCNEFKDALEIVVGDVRD
HATNEKLIKQTIDRFGHLDCFIANAGIWDYMLNIEEPWEKISSSFDEIFDINVKSYFSGISAALPELKKTNGSVVMTASV
SSHAVGGGGSCYIASKHAVLGMVKALAYELAPEIRVNAVSPGGTVTSLCGPASAGFDKMHMKDMPGIDDMIKGLTPLGFA
AKPEDVVAPYLLLASRKQGKFITGTVISIDGGMALGRK
;
_entity_poly.pdbx_strand_id   B
#
loop_
_chem_comp.id
_chem_comp.type
_chem_comp.name
_chem_comp.formula
BPY non-polymer BIPHENYL-2,3-DIOL 'C12 H10 O2'
CIT non-polymer 'CITRIC ACID' 'C6 H8 O7'
NAD non-polymer NICOTINAMIDE-ADENINE-DINUCLEOTIDE 'C21 H27 N7 O14 P2'
#
# COMPACT_ATOMS: atom_id res chain seq x y z
N ASN A 22 -2.50 21.15 11.54
CA ASN A 22 -1.05 21.33 11.60
C ASN A 22 -0.33 19.98 11.44
N GLN A 23 -0.19 19.24 12.56
CA GLN A 23 0.61 18.02 12.59
C GLN A 23 -0.08 16.88 11.82
N GLN A 24 0.64 16.27 10.88
CA GLN A 24 0.08 15.23 10.01
C GLN A 24 0.37 13.83 10.54
N VAL A 25 -0.58 12.92 10.33
CA VAL A 25 -0.53 11.54 10.84
C VAL A 25 -0.87 10.56 9.71
N VAL A 26 0.02 9.58 9.49
CA VAL A 26 -0.14 8.55 8.47
C VAL A 26 -0.11 7.18 9.14
N SER A 27 -0.92 6.27 8.59
CA SER A 27 -0.95 4.87 8.99
C SER A 27 -0.65 4.00 7.79
N ILE A 28 0.29 3.07 7.94
CA ILE A 28 0.86 2.31 6.83
C ILE A 28 0.76 0.82 7.18
N THR A 29 0.18 0.02 6.29
CA THR A 29 0.26 -1.42 6.37
C THR A 29 1.38 -1.96 5.48
N GLY A 30 1.78 -3.21 5.73
CA GLY A 30 2.95 -3.75 5.07
C GLY A 30 4.21 -3.02 5.46
N ALA A 31 4.28 -2.51 6.68
CA ALA A 31 5.32 -1.56 7.03
C ALA A 31 6.57 -2.22 7.58
N GLY A 32 6.62 -3.56 7.63
CA GLY A 32 7.75 -4.25 8.22
C GLY A 32 8.90 -4.47 7.28
N SER A 33 8.66 -4.27 5.99
CA SER A 33 9.67 -4.57 4.99
C SER A 33 9.42 -3.78 3.71
N GLY A 34 10.37 -3.92 2.81
CA GLY A 34 10.23 -3.39 1.47
C GLY A 34 9.81 -1.94 1.41
N ILE A 35 8.85 -1.67 0.52
CA ILE A 35 8.37 -0.33 0.32
C ILE A 35 7.72 0.19 1.58
N GLY A 36 6.99 -0.68 2.28
CA GLY A 36 6.34 -0.22 3.50
C GLY A 36 7.34 0.34 4.47
N LEU A 37 8.38 -0.43 4.77
CA LEU A 37 9.42 0.07 5.66
C LEU A 37 10.00 1.39 5.17
N GLU A 38 10.26 1.50 3.86
CA GLU A 38 10.77 2.76 3.32
C GLU A 38 9.77 3.89 3.49
N LEU A 39 8.47 3.59 3.37
CA LEU A 39 7.50 4.64 3.61
C LEU A 39 7.55 5.10 5.06
N VAL A 40 7.79 4.18 6.00
CA VAL A 40 7.90 4.56 7.41
C VAL A 40 9.03 5.57 7.58
N ARG A 41 10.21 5.23 7.07
CA ARG A 41 11.34 6.17 7.16
C ARG A 41 11.01 7.49 6.49
N SER A 42 10.60 7.45 5.21
CA SER A 42 10.42 8.69 4.47
C SER A 42 9.37 9.57 5.12
N PHE A 43 8.24 8.99 5.51
CA PHE A 43 7.21 9.81 6.16
C PHE A 43 7.67 10.33 7.52
N LYS A 44 8.47 9.56 8.27
CA LYS A 44 9.00 10.08 9.53
C LYS A 44 9.97 11.23 9.25
N LEU A 45 10.86 11.05 8.28
CA LEU A 45 11.76 12.14 7.92
C LEU A 45 11.01 13.37 7.43
N ALA A 46 9.86 13.20 6.80
CA ALA A 46 9.08 14.33 6.32
C ALA A 46 8.24 14.97 7.40
N GLY A 47 8.31 14.49 8.65
CA GLY A 47 7.68 15.16 9.76
C GLY A 47 6.38 14.56 10.23
N TYR A 48 5.92 13.49 9.60
CA TYR A 48 4.65 12.88 9.98
C TYR A 48 4.79 12.10 11.29
N CYS A 49 3.71 12.03 12.05
CA CYS A 49 3.56 10.97 13.03
C CYS A 49 3.02 9.75 12.31
N VAL A 50 3.56 8.57 12.65
CA VAL A 50 3.40 7.37 11.85
C VAL A 50 2.94 6.22 12.73
N SER A 51 1.90 5.52 12.29
CA SER A 51 1.57 4.20 12.78
C SER A 51 1.83 3.20 11.67
N ALA A 52 2.05 1.96 12.09
CA ALA A 52 2.54 0.90 11.23
C ALA A 52 1.91 -0.42 11.64
N LEU A 53 1.45 -1.18 10.66
CA LEU A 53 1.04 -2.56 10.85
C LEU A 53 2.12 -3.46 10.28
N VAL A 54 2.63 -4.36 11.10
CA VAL A 54 3.61 -5.34 10.68
C VAL A 54 3.01 -6.72 10.88
N ARG A 55 3.60 -7.70 10.19
CA ARG A 55 3.05 -9.05 10.12
C ARG A 55 3.34 -9.87 11.39
N ASN A 56 4.50 -9.69 12.01
CA ASN A 56 4.99 -10.67 12.98
C ASN A 56 5.91 -9.99 13.98
N GLU A 57 6.37 -10.79 14.94
CA GLU A 57 7.27 -10.34 16.00
C GLU A 57 8.60 -9.87 15.43
N GLU A 58 9.13 -10.59 14.44
CA GLU A 58 10.46 -10.27 13.94
C GLU A 58 10.50 -8.89 13.29
N GLN A 59 9.45 -8.54 12.55
CA GLN A 59 9.38 -7.21 11.96
C GLN A 59 9.13 -6.16 13.05
N GLU A 60 8.34 -6.51 14.07
CA GLU A 60 8.11 -5.57 15.16
C GLU A 60 9.42 -5.20 15.85
N ALA A 61 10.28 -6.18 16.10
CA ALA A 61 11.56 -5.90 16.75
C ALA A 61 12.43 -4.97 15.92
N LEU A 62 12.41 -5.12 14.59
CA LEU A 62 13.20 -4.23 13.72
C LEU A 62 12.80 -2.77 13.90
N LEU A 63 11.50 -2.49 13.87
CA LEU A 63 11.06 -1.10 13.98
C LEU A 63 11.20 -0.53 15.40
N CYS A 64 11.01 -1.35 16.44
CA CYS A 64 11.25 -0.87 17.80
C CYS A 64 12.70 -0.44 17.97
N ASN A 65 13.61 -1.29 17.54
CA ASN A 65 15.03 -0.95 17.62
C ASN A 65 15.35 0.30 16.79
N GLU A 66 14.79 0.43 15.60
CA GLU A 66 15.14 1.57 14.73
C GLU A 66 14.53 2.89 15.23
N PHE A 67 13.24 2.87 15.52
CA PHE A 67 12.52 4.08 15.87
C PHE A 67 12.22 4.19 17.35
N LYS A 68 12.70 3.24 18.15
CA LYS A 68 12.41 3.23 19.59
C LYS A 68 10.91 3.44 19.71
N ASP A 69 10.44 4.31 20.58
CA ASP A 69 9.00 4.39 20.82
C ASP A 69 8.32 5.48 20.00
N ALA A 70 8.98 5.97 18.94
CA ALA A 70 8.42 7.08 18.16
C ALA A 70 7.15 6.69 17.42
N LEU A 71 7.02 5.42 17.05
CA LEU A 71 5.91 4.96 16.25
C LEU A 71 4.84 4.33 17.13
N GLU A 72 3.67 4.14 16.54
CA GLU A 72 2.63 3.27 17.06
C GLU A 72 2.61 2.01 16.19
N ILE A 73 2.85 0.85 16.80
CA ILE A 73 3.05 -0.40 16.05
C ILE A 73 2.02 -1.45 16.48
N VAL A 74 1.59 -2.24 15.50
CA VAL A 74 0.56 -3.24 15.68
C VAL A 74 1.01 -4.46 14.89
N VAL A 75 0.95 -5.62 15.53
CA VAL A 75 1.28 -6.87 14.90
C VAL A 75 -0.03 -7.60 14.65
N GLY A 76 -0.20 -8.12 13.44
CA GLY A 76 -1.38 -8.89 13.12
C GLY A 76 -1.49 -9.13 11.64
N ASP A 77 -2.56 -9.84 11.28
CA ASP A 77 -2.87 -10.15 9.90
C ASP A 77 -3.81 -9.08 9.33
N VAL A 78 -3.40 -8.45 8.24
CA VAL A 78 -4.26 -7.46 7.62
C VAL A 78 -5.59 -8.09 7.14
N ARG A 79 -5.65 -9.41 6.96
CA ARG A 79 -6.91 -10.07 6.60
C ARG A 79 -7.92 -10.11 7.73
N ASP A 80 -7.64 -9.52 8.88
CA ASP A 80 -8.52 -9.58 10.02
C ASP A 80 -8.98 -8.16 10.31
N HIS A 81 -10.29 -7.94 10.26
CA HIS A 81 -10.77 -6.58 10.34
C HIS A 81 -10.36 -5.93 11.65
N ALA A 82 -10.43 -6.68 12.76
CA ALA A 82 -10.20 -6.08 14.06
C ALA A 82 -8.76 -5.65 14.23
N THR A 83 -7.84 -6.34 13.56
CA THR A 83 -6.47 -5.85 13.49
C THR A 83 -6.40 -4.49 12.79
N ASN A 84 -7.16 -4.31 11.70
CA ASN A 84 -7.21 -3.01 11.04
C ASN A 84 -7.85 -1.96 11.94
N GLU A 85 -8.98 -2.27 12.57
CA GLU A 85 -9.58 -1.32 13.52
C GLU A 85 -8.64 -1.02 14.68
N LYS A 86 -7.94 -2.03 15.17
CA LYS A 86 -6.97 -1.77 16.22
C LYS A 86 -5.90 -0.78 15.76
N LEU A 87 -5.39 -0.94 14.55
CA LEU A 87 -4.40 0.03 14.05
C LEU A 87 -4.96 1.45 14.07
N ILE A 88 -6.18 1.63 13.58
CA ILE A 88 -6.77 2.97 13.56
C ILE A 88 -6.93 3.48 14.97
N LYS A 89 -7.53 2.64 15.83
CA LYS A 89 -7.81 3.03 17.21
C LYS A 89 -6.52 3.45 17.94
N GLN A 90 -5.47 2.65 17.86
CA GLN A 90 -4.21 3.06 18.50
C GLN A 90 -3.63 4.33 17.87
N THR A 91 -3.85 4.56 16.56
CA THR A 91 -3.33 5.79 15.97
C THR A 91 -4.00 7.01 16.60
N ILE A 92 -5.33 6.99 16.65
CA ILE A 92 -6.11 8.11 17.19
C ILE A 92 -5.76 8.36 18.65
N ASP A 93 -5.65 7.30 19.43
CA ASP A 93 -5.44 7.50 20.86
C ASP A 93 -4.07 8.09 21.14
N ARG A 94 -3.07 7.71 20.35
CA ARG A 94 -1.74 8.28 20.52
C ARG A 94 -1.58 9.63 19.85
N PHE A 95 -2.07 9.81 18.62
CA PHE A 95 -1.82 11.06 17.91
C PHE A 95 -3.06 11.93 17.77
N GLY A 96 -4.26 11.43 18.08
CA GLY A 96 -5.46 12.22 18.12
C GLY A 96 -6.24 12.29 16.83
N HIS A 97 -5.64 11.98 15.69
CA HIS A 97 -6.38 12.05 14.42
C HIS A 97 -5.56 11.34 13.36
N LEU A 98 -6.19 11.12 12.21
CA LEU A 98 -5.59 10.40 11.08
C LEU A 98 -5.77 11.19 9.80
N ASP A 99 -4.67 11.45 9.10
CA ASP A 99 -4.78 12.23 7.88
C ASP A 99 -4.59 11.41 6.60
N CYS A 100 -3.98 10.24 6.67
CA CYS A 100 -3.70 9.48 5.45
C CYS A 100 -3.59 8.01 5.80
N PHE A 101 -4.28 7.16 5.05
CA PHE A 101 -4.10 5.72 5.20
C PHE A 101 -3.39 5.18 3.96
N ILE A 102 -2.33 4.41 4.18
CA ILE A 102 -1.57 3.84 3.09
C ILE A 102 -1.73 2.34 3.16
N ALA A 103 -2.55 1.82 2.26
CA ALA A 103 -2.78 0.38 2.16
C ALA A 103 -1.72 -0.19 1.23
N ASN A 104 -0.81 -0.94 1.79
CA ASN A 104 0.35 -1.37 1.04
C ASN A 104 0.66 -2.85 1.16
N ALA A 105 0.19 -3.54 2.19
CA ALA A 105 0.46 -4.97 2.31
C ALA A 105 0.02 -5.68 1.04
N GLY A 106 0.85 -6.62 0.58
CA GLY A 106 0.49 -7.38 -0.60
C GLY A 106 1.36 -8.60 -0.75
N ILE A 107 0.91 -9.49 -1.65
CA ILE A 107 1.64 -10.73 -1.90
C ILE A 107 1.64 -11.06 -3.39
N TRP A 108 2.67 -11.77 -3.79
CA TRP A 108 2.87 -12.17 -5.18
C TRP A 108 2.33 -13.59 -5.43
N ASP A 109 2.10 -13.93 -6.70
CA ASP A 109 1.60 -15.26 -7.06
C ASP A 109 2.66 -16.15 -7.70
N TYR A 110 3.90 -15.70 -7.81
CA TYR A 110 4.98 -16.58 -8.30
C TYR A 110 4.66 -17.16 -9.68
N MET A 111 3.93 -16.40 -10.51
CA MET A 111 3.66 -16.74 -11.93
C MET A 111 2.82 -18.01 -12.06
N LEU A 112 2.00 -18.30 -11.06
CA LEU A 112 1.16 -19.51 -11.07
C LEU A 112 0.37 -19.63 -12.37
N ASN A 113 0.51 -20.78 -13.03
CA ASN A 113 -0.04 -21.04 -14.35
C ASN A 113 -1.51 -21.47 -14.25
N ILE A 114 -2.33 -21.02 -15.20
CA ILE A 114 -3.74 -21.41 -15.24
C ILE A 114 -3.91 -22.90 -15.54
N GLU A 115 -2.86 -23.61 -15.97
CA GLU A 115 -2.94 -25.04 -16.28
C GLU A 115 -2.73 -25.93 -15.06
N GLU A 116 -2.42 -25.34 -13.93
CA GLU A 116 -2.22 -26.07 -12.70
C GLU A 116 -3.52 -26.65 -12.16
N PRO A 117 -3.41 -27.64 -11.27
CA PRO A 117 -4.61 -28.20 -10.64
C PRO A 117 -5.46 -27.11 -10.02
N TRP A 118 -6.77 -27.24 -10.22
CA TRP A 118 -7.70 -26.22 -9.76
C TRP A 118 -7.54 -25.93 -8.29
N GLU A 119 -7.38 -26.96 -7.47
CA GLU A 119 -7.31 -26.73 -6.03
C GLU A 119 -6.09 -25.93 -5.67
N LYS A 120 -5.03 -26.07 -6.46
CA LYS A 120 -3.89 -25.23 -6.22
C LYS A 120 -4.19 -23.79 -6.62
N ILE A 121 -4.90 -23.59 -7.75
CA ILE A 121 -5.23 -22.23 -8.18
C ILE A 121 -6.14 -21.58 -7.17
N SER A 122 -7.08 -22.37 -6.68
CA SER A 122 -8.15 -21.87 -5.83
C SER A 122 -7.60 -21.38 -4.50
N SER A 123 -6.76 -22.19 -3.88
CA SER A 123 -6.14 -21.79 -2.62
C SER A 123 -5.32 -20.52 -2.79
N SER A 124 -4.57 -20.42 -3.88
CA SER A 124 -3.75 -19.22 -4.12
C SER A 124 -4.60 -18.01 -4.41
N PHE A 125 -5.62 -18.17 -5.25
CA PHE A 125 -6.54 -17.09 -5.51
C PHE A 125 -7.06 -16.51 -4.20
N ASP A 126 -7.47 -17.39 -3.26
CA ASP A 126 -8.10 -16.91 -2.03
C ASP A 126 -7.17 -15.99 -1.29
N GLU A 127 -5.89 -16.37 -1.24
CA GLU A 127 -4.90 -15.63 -0.48
C GLU A 127 -4.54 -14.33 -1.18
N ILE A 128 -4.34 -14.38 -2.50
CA ILE A 128 -3.95 -13.18 -3.22
C ILE A 128 -5.05 -12.14 -3.12
N PHE A 129 -6.29 -12.57 -3.29
CA PHE A 129 -7.39 -11.62 -3.33
C PHE A 129 -7.79 -11.16 -1.95
N ASP A 130 -7.63 -12.01 -0.92
CA ASP A 130 -7.87 -11.58 0.45
C ASP A 130 -6.85 -10.53 0.90
N ILE A 131 -5.59 -10.67 0.51
CA ILE A 131 -4.57 -9.70 0.94
C ILE A 131 -4.52 -8.47 0.02
N ASN A 132 -4.45 -8.69 -1.30
CA ASN A 132 -4.24 -7.59 -2.24
C ASN A 132 -5.48 -6.76 -2.53
N VAL A 133 -6.68 -7.23 -2.16
CA VAL A 133 -7.89 -6.50 -2.48
C VAL A 133 -8.77 -6.36 -1.24
N LYS A 134 -9.27 -7.49 -0.73
CA LYS A 134 -10.19 -7.40 0.38
C LYS A 134 -9.61 -6.64 1.56
N SER A 135 -8.35 -6.90 1.89
CA SER A 135 -7.74 -6.19 3.01
C SER A 135 -7.67 -4.69 2.79
N TYR A 136 -7.51 -4.25 1.55
CA TYR A 136 -7.57 -2.81 1.28
C TYR A 136 -8.97 -2.26 1.59
N PHE A 137 -10.00 -2.97 1.16
CA PHE A 137 -11.37 -2.57 1.53
C PHE A 137 -11.48 -2.47 3.04
N SER A 138 -10.91 -3.46 3.73
CA SER A 138 -11.00 -3.58 5.18
C SER A 138 -10.32 -2.41 5.89
N GLY A 139 -9.09 -2.08 5.47
CA GLY A 139 -8.38 -0.96 6.09
C GLY A 139 -9.03 0.37 5.79
N ILE A 140 -9.55 0.51 4.58
CA ILE A 140 -10.24 1.74 4.23
C ILE A 140 -11.52 1.86 5.03
N SER A 141 -12.28 0.78 5.16
CA SER A 141 -13.45 0.84 6.02
C SER A 141 -13.06 1.29 7.43
N ALA A 142 -11.97 0.72 7.95
CA ALA A 142 -11.62 0.99 9.34
C ALA A 142 -11.07 2.39 9.50
N ALA A 143 -10.41 2.93 8.46
CA ALA A 143 -9.84 4.25 8.52
C ALA A 143 -10.84 5.33 8.20
N LEU A 144 -11.95 4.97 7.56
CA LEU A 144 -12.83 5.96 6.97
C LEU A 144 -13.39 6.97 7.97
N PRO A 145 -13.97 6.55 9.11
CA PRO A 145 -14.56 7.54 10.01
C PRO A 145 -13.59 8.65 10.34
N GLU A 146 -12.33 8.28 10.55
CA GLU A 146 -11.34 9.23 11.00
C GLU A 146 -10.82 10.09 9.87
N LEU A 147 -10.73 9.57 8.64
CA LEU A 147 -10.33 10.40 7.53
C LEU A 147 -11.41 11.40 7.19
N LYS A 148 -12.67 11.04 7.46
CA LYS A 148 -13.76 11.96 7.17
C LYS A 148 -13.72 13.18 8.09
N LYS A 149 -13.16 13.02 9.30
CA LYS A 149 -13.03 14.12 10.24
C LYS A 149 -11.89 15.08 9.91
N THR A 150 -10.96 14.66 9.06
CA THR A 150 -9.85 15.52 8.64
C THR A 150 -9.86 15.82 7.16
N ASN A 151 -10.83 15.32 6.39
CA ASN A 151 -10.74 15.37 4.93
C ASN A 151 -9.38 14.84 4.45
N GLY A 152 -9.02 13.65 4.91
CA GLY A 152 -7.73 13.06 4.63
C GLY A 152 -7.71 12.32 3.32
N SER A 153 -6.77 11.39 3.18
CA SER A 153 -6.61 10.69 1.93
C SER A 153 -6.21 9.23 2.14
N VAL A 154 -6.34 8.48 1.06
CA VAL A 154 -5.93 7.09 0.94
C VAL A 154 -4.93 7.02 -0.18
N VAL A 155 -3.85 6.31 0.04
CA VAL A 155 -2.98 5.88 -1.04
C VAL A 155 -2.91 4.35 -1.01
N MET A 156 -3.12 3.74 -2.15
CA MET A 156 -3.04 2.31 -2.31
C MET A 156 -1.82 1.96 -3.13
N THR A 157 -1.14 0.89 -2.74
CA THR A 157 -0.10 0.33 -3.58
C THR A 157 -0.74 -0.63 -4.57
N ALA A 158 -0.62 -0.28 -5.85
CA ALA A 158 -1.05 -1.11 -6.93
C ALA A 158 0.19 -1.86 -7.47
N SER A 159 0.50 -1.77 -8.75
CA SER A 159 1.56 -2.56 -9.38
C SER A 159 1.63 -2.25 -10.87
N VAL A 160 2.79 -2.41 -11.49
CA VAL A 160 2.86 -2.41 -12.93
C VAL A 160 1.84 -3.37 -13.52
N SER A 161 1.57 -4.49 -12.82
CA SER A 161 0.62 -5.51 -13.26
C SER A 161 -0.82 -5.02 -13.22
N SER A 162 -1.08 -3.85 -12.64
CA SER A 162 -2.34 -3.17 -12.83
C SER A 162 -2.58 -2.69 -14.25
N HIS A 163 -1.55 -2.61 -15.08
CA HIS A 163 -1.58 -1.96 -16.39
C HIS A 163 -1.10 -2.87 -17.49
N ALA A 164 -0.19 -3.78 -17.18
CA ALA A 164 0.52 -4.56 -18.18
C ALA A 164 0.67 -5.99 -17.72
N VAL A 165 0.87 -6.89 -18.69
CA VAL A 165 1.08 -8.31 -18.42
C VAL A 165 2.58 -8.53 -18.22
N GLY A 166 2.97 -9.75 -17.85
CA GLY A 166 4.38 -10.08 -17.80
C GLY A 166 4.95 -10.24 -16.40
N GLY A 167 4.48 -9.42 -15.46
CA GLY A 167 5.07 -9.37 -14.13
C GLY A 167 4.36 -10.19 -13.08
N GLY A 168 3.60 -11.20 -13.50
CA GLY A 168 2.87 -12.05 -12.58
C GLY A 168 1.96 -13.00 -13.34
N GLY A 169 1.38 -13.94 -12.60
CA GLY A 169 0.36 -14.80 -13.16
C GLY A 169 -0.98 -14.10 -13.21
N SER A 170 -1.96 -14.80 -13.78
CA SER A 170 -3.27 -14.19 -13.97
C SER A 170 -3.92 -13.80 -12.65
N CYS A 171 -3.68 -14.53 -11.56
CA CYS A 171 -4.26 -14.15 -10.26
C CYS A 171 -3.68 -12.84 -9.77
N TYR A 172 -2.36 -12.68 -9.87
CA TYR A 172 -1.77 -11.44 -9.38
C TYR A 172 -2.24 -10.25 -10.20
N ILE A 173 -2.19 -10.38 -11.52
CA ILE A 173 -2.58 -9.32 -12.43
C ILE A 173 -4.05 -8.96 -12.22
N ALA A 174 -4.90 -9.95 -12.11
CA ALA A 174 -6.30 -9.65 -11.86
C ALA A 174 -6.46 -8.90 -10.55
N SER A 175 -5.74 -9.33 -9.51
CA SER A 175 -5.88 -8.67 -8.22
C SER A 175 -5.44 -7.23 -8.30
N LYS A 176 -4.43 -6.96 -9.11
CA LYS A 176 -3.94 -5.58 -9.19
C LYS A 176 -4.79 -4.73 -10.11
N HIS A 177 -5.33 -5.31 -11.18
CA HIS A 177 -6.36 -4.59 -11.93
C HIS A 177 -7.53 -4.23 -11.02
N ALA A 178 -7.88 -5.11 -10.10
CA ALA A 178 -8.97 -4.83 -9.18
C ALA A 178 -8.68 -3.62 -8.27
N VAL A 179 -7.43 -3.49 -7.82
CA VAL A 179 -7.01 -2.29 -7.07
C VAL A 179 -7.26 -1.03 -7.88
N LEU A 180 -6.93 -1.05 -9.17
CA LEU A 180 -7.20 0.14 -9.99
C LEU A 180 -8.67 0.46 -9.96
N GLY A 181 -9.50 -0.57 -10.08
CA GLY A 181 -10.93 -0.39 -9.96
C GLY A 181 -11.30 0.29 -8.68
N MET A 182 -10.72 -0.17 -7.56
CA MET A 182 -11.00 0.43 -6.26
C MET A 182 -10.64 1.89 -6.25
N VAL A 183 -9.47 2.22 -6.77
CA VAL A 183 -9.03 3.62 -6.79
C VAL A 183 -10.06 4.49 -7.51
N LYS A 184 -10.39 4.15 -8.76
CA LYS A 184 -11.37 4.96 -9.48
C LYS A 184 -12.71 4.98 -8.74
N ALA A 185 -13.21 3.83 -8.30
CA ALA A 185 -14.56 3.78 -7.74
C ALA A 185 -14.62 4.56 -6.43
N LEU A 186 -13.62 4.37 -5.56
CA LEU A 186 -13.65 5.04 -4.26
C LEU A 186 -13.32 6.52 -4.37
N ALA A 187 -12.42 6.89 -5.29
CA ALA A 187 -12.14 8.30 -5.52
C ALA A 187 -13.41 9.03 -5.92
N TYR A 188 -14.25 8.41 -6.73
CA TYR A 188 -15.47 9.06 -7.20
C TYR A 188 -16.52 9.14 -6.10
N GLU A 189 -16.71 8.05 -5.33
CA GLU A 189 -17.73 8.01 -4.29
C GLU A 189 -17.39 8.90 -3.11
N LEU A 190 -16.12 8.99 -2.74
CA LEU A 190 -15.71 9.73 -1.54
C LEU A 190 -15.35 11.18 -1.80
N ALA A 191 -15.23 11.58 -3.05
CA ALA A 191 -15.06 12.99 -3.32
C ALA A 191 -16.33 13.69 -2.89
N PRO A 192 -16.21 14.93 -2.44
CA PRO A 192 -15.03 15.78 -2.36
C PRO A 192 -14.19 15.71 -1.08
N GLU A 193 -14.62 14.95 -0.07
CA GLU A 193 -13.95 15.04 1.22
C GLU A 193 -12.64 14.29 1.24
N ILE A 194 -12.60 13.08 0.65
CA ILE A 194 -11.48 12.16 0.77
C ILE A 194 -10.87 11.91 -0.61
N ARG A 195 -9.57 12.18 -0.74
CA ARG A 195 -8.86 11.80 -1.95
C ARG A 195 -8.42 10.35 -1.87
N VAL A 196 -8.37 9.67 -3.02
CA VAL A 196 -8.03 8.24 -3.15
C VAL A 196 -7.15 8.09 -4.37
N ASN A 197 -5.92 7.67 -4.15
CA ASN A 197 -4.95 7.55 -5.23
C ASN A 197 -4.17 6.28 -5.01
N ALA A 198 -3.33 5.95 -5.99
CA ALA A 198 -2.50 4.77 -5.90
C ALA A 198 -1.15 5.03 -6.55
N VAL A 199 -0.23 4.13 -6.27
CA VAL A 199 1.10 4.11 -6.83
C VAL A 199 1.32 2.72 -7.38
N SER A 200 1.93 2.65 -8.58
CA SER A 200 2.14 1.39 -9.27
C SER A 200 3.63 1.17 -9.46
N PRO A 201 4.29 0.61 -8.47
CA PRO A 201 5.70 0.27 -8.62
C PRO A 201 5.88 -0.99 -9.44
N GLY A 202 7.08 -1.14 -9.98
CA GLY A 202 7.46 -2.37 -10.64
C GLY A 202 8.97 -2.48 -10.68
N GLY A 203 9.45 -3.71 -10.75
CA GLY A 203 10.87 -3.96 -10.91
C GLY A 203 11.73 -3.35 -9.83
N THR A 204 11.44 -3.62 -8.56
CA THR A 204 12.27 -3.17 -7.45
C THR A 204 12.40 -4.29 -6.43
N VAL A 205 13.63 -4.58 -5.97
CA VAL A 205 13.91 -5.75 -5.13
C VAL A 205 13.49 -5.48 -3.69
N THR A 206 13.00 -6.53 -2.99
CA THR A 206 12.33 -6.35 -1.69
C THR A 206 12.31 -7.54 -0.73
N SER A 207 12.18 -8.77 -1.24
CA SER A 207 11.96 -9.95 -0.39
C SER A 207 10.50 -10.02 0.05
N LYS A 232 12.90 -12.21 -14.69
CA LYS A 232 13.72 -11.21 -13.99
C LYS A 232 13.58 -9.81 -14.64
N GLY A 233 13.88 -8.78 -13.86
CA GLY A 233 13.47 -7.41 -14.15
C GLY A 233 14.41 -6.58 -15.00
N LEU A 234 14.28 -6.72 -16.33
CA LEU A 234 14.98 -5.83 -17.24
C LEU A 234 14.59 -4.38 -16.93
N THR A 235 13.38 -3.95 -17.40
CA THR A 235 12.85 -2.58 -17.39
C THR A 235 13.62 -1.70 -18.38
N PRO A 236 12.92 -0.94 -19.23
CA PRO A 236 13.62 -0.12 -20.24
C PRO A 236 14.68 0.82 -19.69
N LEU A 237 14.55 1.29 -18.46
CA LEU A 237 15.60 2.13 -17.88
C LEU A 237 16.80 1.32 -17.39
N GLY A 238 16.77 0.00 -17.51
CA GLY A 238 17.98 -0.77 -17.39
C GLY A 238 18.43 -1.07 -15.98
N PHE A 239 17.60 -0.87 -14.97
CA PHE A 239 18.01 -1.27 -13.65
C PHE A 239 16.78 -1.53 -12.81
N ALA A 240 17.00 -2.22 -11.70
CA ALA A 240 15.97 -2.46 -10.70
C ALA A 240 16.14 -1.43 -9.59
N ALA A 241 15.02 -0.89 -9.13
CA ALA A 241 15.07 0.18 -8.17
C ALA A 241 15.19 -0.42 -6.78
N LYS A 242 15.85 0.28 -5.93
CA LYS A 242 15.76 -0.07 -4.54
C LYS A 242 14.48 0.54 -3.96
N PRO A 243 13.91 -0.09 -2.94
CA PRO A 243 12.68 0.46 -2.34
C PRO A 243 12.71 1.94 -2.01
N GLU A 244 13.86 2.49 -1.57
CA GLU A 244 13.95 3.93 -1.26
C GLU A 244 13.74 4.79 -2.49
N ASP A 245 14.06 4.28 -3.66
CA ASP A 245 13.98 5.05 -4.90
C ASP A 245 12.55 5.20 -5.38
N VAL A 246 11.57 4.70 -4.64
CA VAL A 246 10.22 4.55 -5.13
C VAL A 246 9.21 5.32 -4.30
N VAL A 247 9.64 6.01 -3.25
CA VAL A 247 8.71 6.50 -2.24
C VAL A 247 8.13 7.88 -2.54
N ALA A 248 8.78 8.67 -3.38
CA ALA A 248 8.36 10.06 -3.57
C ALA A 248 6.92 10.20 -4.04
N PRO A 249 6.38 9.33 -4.88
CA PRO A 249 4.99 9.48 -5.30
C PRO A 249 3.99 9.34 -4.16
N TYR A 250 4.30 8.51 -3.19
CA TYR A 250 3.42 8.40 -2.03
C TYR A 250 3.40 9.71 -1.24
N LEU A 251 4.57 10.32 -1.04
CA LEU A 251 4.62 11.59 -0.31
C LEU A 251 3.78 12.65 -1.01
N LEU A 252 3.88 12.75 -2.34
CA LEU A 252 3.09 13.72 -3.10
C LEU A 252 1.58 13.46 -2.94
N LEU A 253 1.17 12.21 -3.03
CA LEU A 253 -0.27 11.90 -3.00
C LEU A 253 -0.85 12.09 -1.62
N ALA A 254 -0.06 11.87 -0.57
CA ALA A 254 -0.51 12.14 0.79
C ALA A 254 -0.40 13.61 1.16
N SER A 255 0.53 14.36 0.57
CA SER A 255 0.75 15.73 1.01
C SER A 255 -0.49 16.59 0.78
N ARG A 256 -0.90 17.32 1.82
CA ARG A 256 -2.08 18.15 1.69
C ARG A 256 -1.84 19.35 0.80
N LYS A 257 -0.60 19.82 0.75
CA LYS A 257 -0.24 20.93 -0.12
C LYS A 257 0.00 20.46 -1.55
N GLN A 258 0.96 19.55 -1.74
CA GLN A 258 1.30 19.12 -3.10
C GLN A 258 0.17 18.35 -3.76
N GLY A 259 -0.64 17.65 -2.97
CA GLY A 259 -1.60 16.72 -3.54
C GLY A 259 -3.06 17.13 -3.45
N LYS A 260 -3.37 18.37 -3.09
CA LYS A 260 -4.74 18.72 -2.76
C LYS A 260 -5.68 18.58 -3.94
N PHE A 261 -5.14 18.56 -5.15
CA PHE A 261 -5.94 18.56 -6.34
C PHE A 261 -5.88 17.23 -7.08
N ILE A 262 -5.43 16.17 -6.41
CA ILE A 262 -5.18 14.87 -7.03
C ILE A 262 -6.08 13.80 -6.40
N THR A 263 -6.92 13.18 -7.22
CA THR A 263 -7.65 12.01 -6.79
C THR A 263 -8.01 11.22 -8.02
N GLY A 264 -8.23 9.92 -7.85
CA GLY A 264 -8.48 9.07 -8.98
C GLY A 264 -7.22 8.69 -9.73
N THR A 265 -6.05 9.12 -9.27
CA THR A 265 -4.81 9.06 -10.02
C THR A 265 -3.96 7.86 -9.61
N VAL A 266 -3.28 7.29 -10.58
CA VAL A 266 -2.35 6.19 -10.38
C VAL A 266 -1.02 6.58 -10.99
N ILE A 267 0.04 6.52 -10.19
CA ILE A 267 1.35 7.00 -10.63
C ILE A 267 2.24 5.79 -10.81
N SER A 268 2.63 5.52 -12.06
CA SER A 268 3.52 4.41 -12.31
C SER A 268 4.92 4.82 -11.95
N ILE A 269 5.67 3.94 -11.29
CA ILE A 269 7.08 4.18 -11.04
C ILE A 269 7.76 2.82 -11.18
N ASP A 270 8.07 2.47 -12.43
CA ASP A 270 8.32 1.10 -12.85
C ASP A 270 9.45 1.02 -13.88
N GLY A 271 10.24 2.09 -14.02
CA GLY A 271 11.32 2.11 -14.99
C GLY A 271 10.91 1.94 -16.43
N GLY A 272 9.64 2.23 -16.75
CA GLY A 272 9.11 2.11 -18.09
C GLY A 272 8.48 0.76 -18.39
N MET A 273 8.33 -0.10 -17.40
CA MET A 273 7.94 -1.47 -17.69
C MET A 273 6.52 -1.57 -18.27
N ALA A 274 5.58 -0.72 -17.84
CA ALA A 274 4.28 -0.68 -18.50
C ALA A 274 4.35 -0.48 -20.03
N LEU A 275 5.46 0.01 -20.57
CA LEU A 275 5.50 0.22 -22.02
C LEU A 275 5.84 -1.03 -22.82
N GLY A 276 6.44 -2.04 -22.19
CA GLY A 276 6.88 -3.27 -22.88
C GLY A 276 8.37 -3.57 -22.77
N ARG A 277 8.78 -4.82 -23.07
CA ARG A 277 10.19 -5.20 -23.12
C ARG A 277 10.93 -4.34 -24.13
N LYS A 278 12.18 -4.01 -23.83
CA LYS A 278 13.01 -3.29 -24.80
C LYS A 278 14.09 -4.22 -25.34
PA NAD B . 7.43 -7.37 0.46
O1A NAD B . 8.15 -8.64 -0.02
O2A NAD B . 8.31 -6.55 1.30
O5B NAD B . 6.10 -7.85 1.24
C5B NAD B . 4.97 -6.98 1.37
C4B NAD B . 4.71 -6.54 2.85
O4B NAD B . 3.45 -6.82 3.15
C3B NAD B . 5.56 -7.31 3.93
O3B NAD B . 5.86 -6.54 5.01
C2B NAD B . 4.61 -8.45 4.35
O2B NAD B . 5.05 -9.06 5.67
C1B NAD B . 3.45 -7.81 4.41
N9A NAD B . 2.32 -8.78 4.42
C8A NAD B . 2.10 -9.82 3.59
N7A NAD B . 0.99 -10.44 4.00
C5A NAD B . 0.54 -9.80 5.11
C6A NAD B . -0.56 -10.03 5.93
N6A NAD B . -1.46 -11.08 5.67
N1A NAD B . -0.83 -9.26 6.98
C2A NAD B . 0.01 -8.21 7.25
N3A NAD B . 1.08 -7.98 6.43
C4A NAD B . 1.35 -8.78 5.37
O3 NAD B . 7.02 -6.53 -0.89
PN NAD B . 7.01 -4.88 -1.25
O1N NAD B . 7.80 -4.68 -2.50
O2N NAD B . 7.49 -3.89 -0.21
O5D NAD B . 5.39 -4.62 -1.66
C5D NAD B . 4.46 -3.78 -1.03
C4D NAD B . 3.36 -3.61 -2.15
O4D NAD B . 3.95 -3.27 -3.29
C3D NAD B . 2.57 -4.92 -2.47
O3D NAD B . 1.21 -4.70 -2.53
C2D NAD B . 3.07 -5.37 -3.86
O2D NAD B . 1.97 -6.14 -4.49
C1D NAD B . 3.38 -4.22 -4.50
N1N NAD B . 4.30 -4.38 -5.66
C2N NAD B . 5.68 -4.44 -5.57
C3N NAD B . 6.48 -4.61 -6.73
C7N NAD B . 8.01 -4.71 -6.64
O7N NAD B . 8.68 -5.03 -7.64
N7N NAD B . 8.65 -4.45 -5.31
C4N NAD B . 5.91 -4.72 -7.95
C5N NAD B . 4.56 -4.65 -8.06
C6N NAD B . 3.77 -4.47 -6.91
H51A NAD B . 4.18 -7.45 1.05
H52A NAD B . 5.11 -6.19 0.83
H4B NAD B . 4.85 -5.58 2.94
H3B NAD B . 6.36 -7.67 3.52
HO3A NAD B . 6.67 -6.68 5.24
H2B NAD B . 4.58 -9.12 3.66
HO2A NAD B . 5.36 -9.84 5.53
H1B NAD B . 3.42 -7.28 5.23
H8A NAD B . 2.63 -10.04 2.86
H61A NAD B . -2.16 -11.20 6.17
H62A NAD B . -1.31 -11.63 5.02
H2A NAD B . -0.15 -7.67 7.97
H51N NAD B . 4.08 -4.20 -0.24
H52N NAD B . 4.87 -2.93 -0.82
H4D NAD B . 2.74 -2.91 -1.89
H3D NAD B . 2.76 -5.61 -1.80
HO3N NAD B . 0.87 -4.79 -1.76
H2D NAD B . 3.86 -5.92 -3.77
HO2N NAD B . 2.05 -6.97 -4.27
H1D NAD B . 2.55 -3.83 -4.82
H2N NAD B . 6.09 -4.39 -4.73
H71N NAD B . 8.16 -4.24 -4.64
H72N NAD B . 9.51 -4.50 -5.23
H4N NAD B . 6.44 -4.82 -8.71
H5N NAD B . 4.16 -4.71 -8.90
H6N NAD B . 2.93 -4.47 -7.29
C1 CIT C . 5.72 2.47 22.83
O1 CIT C . 5.15 3.53 23.23
O2 CIT C . 6.33 1.79 23.68
C2 CIT C . 5.66 2.02 21.36
C3 CIT C . 6.20 0.58 21.04
O7 CIT C . 5.50 -0.37 21.79
C4 CIT C . 5.71 0.06 19.70
C5 CIT C . 5.61 -1.45 19.81
O3 CIT C . 6.73 -1.99 19.80
O4 CIT C . 4.52 -2.14 19.86
C6 CIT C . 7.74 0.49 21.13
O5 CIT C . 8.31 1.31 21.87
O6 CIT C . 8.47 -0.33 20.47
H21 CIT C . 6.22 2.74 20.77
H22 CIT C . 4.62 2.08 21.03
HO7 CIT C . 6.14 -0.96 22.25
H41 CIT C . 4.72 0.48 19.47
H42 CIT C . 6.40 0.34 18.91
CK1 BPY D . 7.05 -9.56 -3.11
CK2 BPY D . 7.79 -9.94 -4.23
CK3 BPY D . 7.41 -9.48 -5.50
CK4 BPY D . 6.30 -8.64 -5.64
CK5 BPY D . 5.56 -8.28 -4.50
CK6 BPY D . 5.94 -8.73 -3.24
CK7 BPY D . 8.92 -10.77 -4.03
CK8 BPY D . 9.17 -11.28 -2.77
CK9 BPY D . 10.27 -12.09 -2.57
CKA BPY D . 11.13 -12.43 -3.60
CKB BPY D . 10.87 -11.93 -4.86
CKC BPY D . 9.77 -11.10 -5.07
OK1 BPY D . 5.91 -8.21 -6.94
OK2 BPY D . 8.11 -9.83 -6.67
#